data_1BCS
#
_entry.id   1BCS
#
_cell.length_a   95.400
_cell.length_b   95.400
_cell.length_c   208.300
_cell.angle_alpha   90.00
_cell.angle_beta   90.00
_cell.angle_gamma   90.00
#
_symmetry.space_group_name_H-M   'P 41 21 2'
#
loop_
_entity.id
_entity.type
_entity.pdbx_description
1 polymer 'SERINE CARBOXYPEPTIDASE II'
2 polymer 'SERINE CARBOXYPEPTIDASE II'
3 polymer 'CHYMOSTATIN A'
4 branched alpha-L-fucopyranose-(1-3)-[2-acetamido-2-deoxy-alpha-D-glucopyranose-(1-4)]2-acetamido-2-deoxy-beta-D-glucopyranose
5 branched 2-acetamido-2-deoxy-beta-D-glucopyranose-(1-4)-2-acetamido-2-deoxy-beta-D-glucopyranose
6 non-polymer ARGININE
7 non-polymer 2-acetamido-2-deoxy-beta-D-glucopyranose
8 non-polymer GLYCEROL
9 non-polymer 'ACETATE ION'
10 water water
#
loop_
_entity_poly.entity_id
_entity_poly.type
_entity_poly.pdbx_seq_one_letter_code
_entity_poly.pdbx_strand_id
1 'polypeptide(L)'
;VEPSGHAADRIARLPGQPAVDFDMYSGYITVDEGAGRSLFYLLQEAPEDAQPAPLVLWLNGGPGCSSVAYGASEELGAFR
VKPRGAGLVLNEYRWNKVANVLFLDSPAGVGFSYTNTSSDIYTSGDNRTAHDSYAFLAKWFERFPHYKYRDFYIAGESYA
GHYVPELSQLVHRSKNPVINLKGFMVGNGLIDDYHDYVGTFEFWWNHGIVSDDTYRRLKEACLHDSFIHPSPACDAATDV
ATAEQGNIDMYSLYTPVCNITSS
;
A
2 'polypeptide(L)'
;TGSYDPCTERYSTAYYNRRDVQMALHANVTGAMNYTWATCSDTINTHWHDAPRSMLPIYRELIAAGLRIWVFSGDTDAVV
PLTATRYSIGALGLPTTTSWYPWYDDQEVGGWSQVYKGLTLVSVRGAGHEVPLHRPRQALVLFQYFLQGKPMPGQTKNAT
;
B
3 'polypeptide(L)' F(CSI)L(PHA) C
#
# COMPACT_ATOMS: atom_id res chain seq x y z
N HIS A 6 23.25 -9.64 -5.64
CA HIS A 6 22.57 -8.53 -6.40
C HIS A 6 22.26 -8.83 -7.86
N ALA A 7 23.33 -9.06 -8.65
CA ALA A 7 23.23 -9.46 -10.07
C ALA A 7 22.44 -10.75 -10.23
N ALA A 8 22.57 -11.58 -9.21
CA ALA A 8 21.88 -12.85 -9.17
C ALA A 8 20.37 -12.68 -9.04
N ASP A 9 19.91 -11.54 -8.52
CA ASP A 9 18.51 -11.27 -8.35
C ASP A 9 17.96 -10.64 -9.60
N ARG A 10 18.89 -10.28 -10.49
CA ARG A 10 18.35 -9.65 -11.66
C ARG A 10 17.39 -10.53 -12.40
N ILE A 11 16.33 -9.95 -12.96
CA ILE A 11 15.36 -10.72 -13.74
C ILE A 11 15.69 -10.58 -15.20
N ALA A 12 15.61 -11.66 -15.93
CA ALA A 12 15.94 -11.49 -17.30
C ALA A 12 14.77 -11.01 -18.11
N ARG A 13 13.70 -11.78 -18.04
CA ARG A 13 12.43 -11.52 -18.70
C ARG A 13 11.38 -12.34 -18.05
N LEU A 14 10.27 -11.73 -17.80
CA LEU A 14 9.27 -12.59 -17.25
C LEU A 14 8.49 -13.17 -18.38
N PRO A 15 7.87 -14.29 -18.10
CA PRO A 15 6.97 -14.88 -19.06
C PRO A 15 5.92 -13.87 -19.57
N GLY A 16 5.85 -13.78 -20.85
CA GLY A 16 4.88 -12.90 -21.42
C GLY A 16 5.22 -11.44 -21.30
N GLN A 17 6.41 -11.15 -20.82
CA GLN A 17 6.76 -9.77 -20.63
C GLN A 17 7.12 -8.98 -21.85
N PRO A 18 6.59 -7.79 -22.05
CA PRO A 18 7.09 -7.02 -23.20
C PRO A 18 8.53 -6.57 -22.94
N ALA A 19 9.19 -6.19 -23.99
CA ALA A 19 10.54 -5.72 -23.83
C ALA A 19 10.54 -4.26 -23.40
N VAL A 20 11.35 -3.94 -22.39
CA VAL A 20 11.40 -2.64 -21.75
C VAL A 20 12.79 -2.08 -21.59
N ASP A 21 12.86 -0.85 -21.19
CA ASP A 21 14.14 -0.24 -21.06
C ASP A 21 14.58 0.00 -19.60
N PHE A 22 14.24 -0.89 -18.72
CA PHE A 22 14.66 -0.67 -17.37
C PHE A 22 14.87 -2.07 -16.86
N ASP A 23 15.61 -2.21 -15.76
CA ASP A 23 15.83 -3.52 -15.17
C ASP A 23 14.92 -3.76 -13.97
N MET A 24 14.86 -5.03 -13.56
CA MET A 24 14.10 -5.42 -12.41
C MET A 24 14.92 -6.47 -11.67
N TYR A 25 14.73 -6.57 -10.37
CA TYR A 25 15.37 -7.61 -9.61
C TYR A 25 14.35 -8.19 -8.65
N SER A 26 14.52 -9.44 -8.26
CA SER A 26 13.62 -10.00 -7.27
C SER A 26 14.37 -11.10 -6.63
N GLY A 27 14.00 -11.39 -5.41
CA GLY A 27 14.66 -12.43 -4.66
C GLY A 27 14.30 -12.36 -3.19
N TYR A 28 15.09 -13.06 -2.34
CA TYR A 28 14.85 -13.16 -0.90
C TYR A 28 15.93 -12.56 -0.03
N ILE A 29 15.50 -12.08 1.12
CA ILE A 29 16.40 -11.58 2.12
C ILE A 29 15.98 -12.16 3.43
N THR A 30 16.90 -12.77 4.14
CA THR A 30 16.49 -13.36 5.39
C THR A 30 16.39 -12.32 6.40
N VAL A 31 15.27 -12.22 7.10
CA VAL A 31 15.14 -11.19 8.10
C VAL A 31 15.20 -11.78 9.52
N ASP A 32 15.11 -13.10 9.60
CA ASP A 32 15.22 -13.75 10.91
C ASP A 32 15.78 -15.15 10.73
N GLU A 33 17.09 -15.21 10.96
CA GLU A 33 17.82 -16.46 10.82
C GLU A 33 17.23 -17.53 11.77
N GLY A 34 17.14 -17.19 13.05
CA GLY A 34 16.58 -18.10 14.03
C GLY A 34 15.23 -18.71 13.61
N ALA A 35 14.32 -17.90 13.11
CA ALA A 35 13.03 -18.42 12.75
C ALA A 35 13.00 -18.92 11.37
N GLY A 36 13.96 -18.46 10.60
CA GLY A 36 13.96 -18.90 9.21
C GLY A 36 12.92 -18.14 8.37
N ARG A 37 12.82 -16.87 8.71
CA ARG A 37 11.94 -15.91 8.03
C ARG A 37 12.65 -15.20 6.92
N SER A 38 12.14 -15.30 5.72
CA SER A 38 12.75 -14.58 4.64
C SER A 38 11.68 -13.85 3.81
N LEU A 39 11.97 -12.57 3.49
CA LEU A 39 11.09 -11.76 2.65
C LEU A 39 11.53 -11.70 1.20
N PHE A 40 10.54 -11.85 0.33
CA PHE A 40 10.69 -11.70 -1.09
C PHE A 40 10.43 -10.22 -1.51
N TYR A 41 11.25 -9.70 -2.45
CA TYR A 41 11.11 -8.35 -2.95
C TYR A 41 11.13 -8.35 -4.46
N LEU A 42 10.59 -7.27 -4.97
CA LEU A 42 10.57 -6.99 -6.38
C LEU A 42 10.92 -5.52 -6.60
N LEU A 43 12.05 -5.35 -7.29
CA LEU A 43 12.58 -4.05 -7.58
C LEU A 43 12.39 -3.72 -9.03
N GLN A 44 11.71 -2.64 -9.30
CA GLN A 44 11.50 -2.20 -10.67
C GLN A 44 12.09 -0.81 -10.79
N GLU A 45 13.18 -0.74 -11.54
CA GLU A 45 13.99 0.45 -11.71
C GLU A 45 13.49 1.36 -12.81
N ALA A 46 13.93 2.62 -12.68
CA ALA A 46 13.63 3.65 -13.64
C ALA A 46 14.63 3.53 -14.76
N PRO A 47 14.22 3.94 -15.95
CA PRO A 47 15.16 3.90 -17.08
C PRO A 47 16.30 4.90 -16.80
N GLU A 48 17.38 4.70 -17.54
CA GLU A 48 18.58 5.46 -17.37
C GLU A 48 18.37 6.92 -17.38
N ASP A 49 17.56 7.33 -18.33
CA ASP A 49 17.29 8.74 -18.49
C ASP A 49 16.77 9.35 -17.25
N ALA A 50 16.23 8.52 -16.33
CA ALA A 50 15.70 9.10 -15.10
C ALA A 50 16.67 8.94 -13.92
N GLN A 51 17.82 8.25 -14.10
CA GLN A 51 18.69 8.01 -12.96
C GLN A 51 19.66 9.12 -12.67
N PRO A 52 20.16 9.20 -11.45
CA PRO A 52 19.85 8.32 -10.31
C PRO A 52 18.51 8.76 -9.67
N ALA A 53 17.45 7.96 -9.80
CA ALA A 53 16.14 8.33 -9.25
C ALA A 53 16.01 7.87 -7.81
N PRO A 54 15.01 8.37 -7.09
CA PRO A 54 14.89 7.92 -5.72
C PRO A 54 14.52 6.49 -5.63
N LEU A 55 14.71 6.04 -4.40
CA LEU A 55 14.35 4.69 -4.09
C LEU A 55 13.05 4.73 -3.28
N VAL A 56 12.04 3.99 -3.73
CA VAL A 56 10.80 4.03 -3.00
C VAL A 56 10.35 2.68 -2.59
N LEU A 57 10.22 2.49 -1.27
CA LEU A 57 9.71 1.24 -0.79
C LEU A 57 8.14 1.30 -0.73
N TRP A 58 7.49 0.41 -1.46
CA TRP A 58 6.05 0.41 -1.50
C TRP A 58 5.48 -0.80 -0.82
N LEU A 59 4.50 -0.57 0.02
CA LEU A 59 3.86 -1.61 0.79
C LEU A 59 2.34 -1.62 0.72
N ASN A 60 1.79 -2.79 0.40
CA ASN A 60 0.38 -3.03 0.45
C ASN A 60 -0.05 -3.40 1.92
N GLY A 61 -1.37 -3.45 2.19
CA GLY A 61 -1.87 -3.67 3.54
C GLY A 61 -2.49 -5.02 3.79
N GLY A 62 -3.74 -5.02 4.22
CA GLY A 62 -4.45 -6.24 4.52
C GLY A 62 -5.02 -6.08 5.91
N PRO A 63 -4.19 -6.39 6.94
CA PRO A 63 -2.84 -6.94 6.83
C PRO A 63 -2.87 -8.37 6.26
N GLY A 64 -1.79 -8.75 5.52
CA GLY A 64 -1.68 -10.07 4.89
C GLY A 64 -1.76 -10.03 3.38
N CYS A 65 -1.79 -8.81 2.78
CA CYS A 65 -1.86 -8.62 1.31
C CYS A 65 -0.50 -8.31 0.71
N SER A 66 -0.26 -8.81 -0.48
CA SER A 66 1.05 -8.71 -1.03
C SER A 66 1.31 -7.47 -1.88
N SER A 67 2.44 -6.79 -1.58
CA SER A 67 2.91 -5.63 -2.32
C SER A 67 3.09 -6.00 -3.78
N VAL A 68 3.51 -7.22 -4.06
CA VAL A 68 3.68 -7.61 -5.46
C VAL A 68 2.33 -7.82 -6.16
N ALA A 69 1.47 -8.52 -5.47
CA ALA A 69 0.18 -8.82 -6.04
C ALA A 69 -0.62 -7.55 -6.41
N TYR A 70 -0.60 -6.56 -5.52
CA TYR A 70 -1.37 -5.33 -5.73
C TYR A 70 -0.55 -4.26 -6.35
N GLY A 71 0.30 -3.75 -5.49
CA GLY A 71 1.17 -2.68 -5.89
C GLY A 71 1.82 -2.86 -7.26
N ALA A 72 2.49 -3.99 -7.38
CA ALA A 72 3.21 -4.22 -8.58
C ALA A 72 2.43 -4.70 -9.74
N SER A 73 1.35 -5.45 -9.45
CA SER A 73 0.56 -6.16 -10.46
C SER A 73 -0.75 -5.57 -10.99
N GLU A 74 -1.38 -4.74 -10.18
CA GLU A 74 -2.60 -4.06 -10.58
C GLU A 74 -2.61 -2.60 -10.18
N GLU A 75 -1.48 -2.05 -9.79
CA GLU A 75 -1.46 -0.66 -9.41
C GLU A 75 -0.36 0.11 -10.10
N LEU A 76 0.62 0.59 -9.31
CA LEU A 76 1.73 1.44 -9.82
C LEU A 76 2.90 0.73 -10.52
N GLY A 77 2.91 -0.61 -10.41
CA GLY A 77 3.90 -1.48 -11.02
C GLY A 77 4.00 -1.31 -12.54
N ALA A 78 5.13 -1.70 -13.11
CA ALA A 78 5.39 -1.64 -14.53
C ALA A 78 4.43 -2.42 -15.41
N PHE A 79 3.93 -3.56 -14.94
CA PHE A 79 3.07 -4.33 -15.80
C PHE A 79 1.73 -4.68 -15.19
N ARG A 80 0.86 -5.15 -16.05
CA ARG A 80 -0.43 -5.67 -15.67
C ARG A 80 -0.55 -7.05 -16.29
N VAL A 81 -1.12 -7.99 -15.54
CA VAL A 81 -1.32 -9.33 -16.03
C VAL A 81 -2.53 -9.49 -16.90
N LYS A 82 -2.34 -10.13 -18.04
CA LYS A 82 -3.46 -10.46 -18.87
C LYS A 82 -4.29 -11.54 -18.27
N PRO A 83 -5.46 -11.70 -18.84
CA PRO A 83 -6.46 -12.59 -18.40
C PRO A 83 -5.99 -13.95 -18.44
N ARG A 84 -6.51 -14.70 -17.51
CA ARG A 84 -6.07 -16.03 -17.45
C ARG A 84 -4.58 -16.09 -17.06
N GLY A 85 -3.95 -14.97 -16.72
CA GLY A 85 -2.55 -15.00 -16.29
C GLY A 85 -1.64 -15.35 -17.43
N ALA A 86 -2.10 -15.00 -18.60
CA ALA A 86 -1.39 -15.30 -19.82
C ALA A 86 -0.10 -14.56 -20.12
N GLY A 87 0.00 -13.34 -19.70
CA GLY A 87 1.16 -12.61 -20.03
C GLY A 87 1.05 -11.26 -19.42
N LEU A 88 1.85 -10.37 -19.97
CA LEU A 88 1.88 -9.04 -19.46
C LEU A 88 1.70 -7.92 -20.47
N VAL A 89 1.27 -6.84 -19.88
CA VAL A 89 1.16 -5.57 -20.53
C VAL A 89 1.83 -4.59 -19.62
N LEU A 90 2.34 -3.62 -20.31
CA LEU A 90 3.02 -2.52 -19.73
C LEU A 90 2.00 -1.52 -19.25
N ASN A 91 2.28 -0.99 -18.04
CA ASN A 91 1.53 0.04 -17.38
C ASN A 91 2.14 1.37 -17.77
N GLU A 92 1.39 1.97 -18.61
CA GLU A 92 1.76 3.21 -19.16
C GLU A 92 1.92 4.25 -18.08
N TYR A 93 1.37 4.06 -16.93
CA TYR A 93 1.58 5.09 -15.92
C TYR A 93 2.40 4.57 -14.78
N ARG A 94 3.15 3.48 -14.99
CA ARG A 94 3.99 2.89 -13.95
C ARG A 94 4.84 3.96 -13.20
N TRP A 95 4.89 3.82 -11.90
CA TRP A 95 5.62 4.78 -11.13
C TRP A 95 7.12 4.63 -11.33
N ASN A 96 7.56 3.48 -11.90
CA ASN A 96 8.97 3.29 -12.16
C ASN A 96 9.37 4.13 -13.38
N LYS A 97 8.45 5.00 -13.80
CA LYS A 97 8.87 5.86 -14.85
C LYS A 97 9.72 6.94 -14.20
N VAL A 98 9.48 7.21 -12.91
CA VAL A 98 10.21 8.26 -12.18
C VAL A 98 11.01 7.81 -10.93
N ALA A 99 10.81 6.60 -10.39
CA ALA A 99 11.53 6.19 -9.21
C ALA A 99 11.97 4.73 -9.34
N ASN A 100 12.93 4.32 -8.50
CA ASN A 100 13.31 2.92 -8.40
C ASN A 100 12.31 2.41 -7.34
N VAL A 101 11.37 1.54 -7.77
CA VAL A 101 10.31 1.08 -6.88
C VAL A 101 10.57 -0.27 -6.29
N LEU A 102 10.59 -0.34 -4.99
CA LEU A 102 10.89 -1.58 -4.34
C LEU A 102 9.66 -2.07 -3.67
N PHE A 103 9.11 -3.17 -4.21
CA PHE A 103 7.91 -3.81 -3.66
C PHE A 103 8.30 -4.91 -2.66
N LEU A 104 7.81 -4.91 -1.40
CA LEU A 104 8.13 -5.92 -0.38
C LEU A 104 6.93 -6.77 0.03
N ASP A 105 6.94 -8.11 -0.15
CA ASP A 105 5.85 -8.98 0.31
C ASP A 105 6.08 -9.11 1.79
N SER A 106 5.15 -8.62 2.59
CA SER A 106 5.36 -8.61 4.03
C SER A 106 4.04 -8.66 4.78
N PRO A 107 3.98 -9.31 5.96
CA PRO A 107 5.10 -9.98 6.60
C PRO A 107 5.34 -11.40 6.07
N ALA A 108 6.31 -12.08 6.70
CA ALA A 108 6.65 -13.43 6.27
C ALA A 108 5.41 -14.27 6.10
N GLY A 109 5.20 -14.90 4.97
CA GLY A 109 3.94 -15.59 4.93
C GLY A 109 3.07 -14.92 3.89
N VAL A 110 3.42 -13.70 3.53
CA VAL A 110 2.64 -13.08 2.54
C VAL A 110 3.31 -13.17 1.18
N GLY A 111 2.52 -13.46 0.17
CA GLY A 111 3.05 -13.48 -1.18
C GLY A 111 4.05 -14.60 -1.37
N PHE A 112 5.32 -14.24 -1.60
CA PHE A 112 6.38 -15.19 -1.77
C PHE A 112 7.24 -15.17 -0.52
N SER A 113 6.96 -14.26 0.43
CA SER A 113 7.73 -14.21 1.66
C SER A 113 7.39 -15.46 2.46
N TYR A 114 8.34 -16.03 3.19
CA TYR A 114 8.02 -17.25 3.92
C TYR A 114 8.69 -17.37 5.27
N THR A 115 8.18 -18.28 6.11
CA THR A 115 8.76 -18.50 7.42
C THR A 115 8.98 -19.96 7.66
N ASN A 116 10.08 -20.25 8.30
CA ASN A 116 10.38 -21.60 8.62
C ASN A 116 9.64 -22.01 9.87
N THR A 117 9.18 -21.08 10.68
CA THR A 117 8.44 -21.36 11.87
C THR A 117 6.98 -21.07 11.62
N SER A 118 6.24 -22.14 11.44
CA SER A 118 4.84 -22.07 11.07
C SER A 118 4.00 -21.23 11.96
N SER A 119 4.31 -21.23 13.19
CA SER A 119 3.54 -20.42 14.04
C SER A 119 3.71 -18.93 13.74
N ASP A 120 4.79 -18.59 13.03
CA ASP A 120 5.01 -17.20 12.71
C ASP A 120 3.73 -16.55 12.11
N ILE A 121 3.10 -17.31 11.26
CA ILE A 121 1.91 -16.95 10.56
C ILE A 121 0.63 -16.83 11.42
N TYR A 122 0.78 -17.19 12.69
CA TYR A 122 -0.34 -17.07 13.60
C TYR A 122 0.01 -16.05 14.62
N THR A 123 1.23 -15.53 14.52
CA THR A 123 1.62 -14.57 15.53
C THR A 123 1.97 -13.23 14.97
N SER A 124 1.63 -12.97 13.70
CA SER A 124 2.06 -11.67 13.18
C SER A 124 1.51 -10.42 13.91
N GLY A 125 2.20 -9.29 13.88
CA GLY A 125 1.72 -8.11 14.57
C GLY A 125 2.46 -6.92 13.94
N ASP A 126 2.06 -5.74 14.30
CA ASP A 126 2.72 -4.62 13.71
C ASP A 126 4.17 -4.55 14.08
N ASN A 127 4.51 -4.83 15.33
CA ASN A 127 5.90 -4.72 15.81
C ASN A 127 6.95 -5.55 15.06
N ARG A 128 6.66 -6.81 14.99
CA ARG A 128 7.55 -7.71 14.31
C ARG A 128 7.60 -7.38 12.85
N THR A 129 6.40 -7.06 12.33
CA THR A 129 6.34 -6.72 10.92
C THR A 129 7.36 -5.62 10.58
N ALA A 130 7.34 -4.64 11.45
CA ALA A 130 8.19 -3.54 11.22
C ALA A 130 9.64 -3.89 11.47
N HIS A 131 9.91 -4.63 12.54
CA HIS A 131 11.29 -4.91 12.83
C HIS A 131 11.85 -5.78 11.75
N ASP A 132 11.02 -6.66 11.28
CA ASP A 132 11.56 -7.45 10.23
C ASP A 132 11.81 -6.66 8.98
N SER A 133 11.01 -5.62 8.78
CA SER A 133 11.12 -4.82 7.57
C SER A 133 12.39 -4.00 7.57
N TYR A 134 12.70 -3.57 8.78
CA TYR A 134 13.87 -2.79 9.03
C TYR A 134 15.07 -3.66 8.74
N ALA A 135 14.98 -4.89 9.20
CA ALA A 135 16.05 -5.80 8.96
C ALA A 135 16.22 -6.01 7.49
N PHE A 136 15.10 -6.25 6.84
CA PHE A 136 15.10 -6.44 5.43
C PHE A 136 15.88 -5.31 4.73
N LEU A 137 15.56 -4.11 5.13
CA LEU A 137 16.18 -3.01 4.46
C LEU A 137 17.69 -2.94 4.58
N ALA A 138 18.12 -3.04 5.85
CA ALA A 138 19.54 -2.96 6.15
C ALA A 138 20.29 -3.96 5.29
N LYS A 139 19.78 -5.15 5.32
CA LYS A 139 20.35 -6.18 4.54
C LYS A 139 20.24 -5.90 3.07
N TRP A 140 19.07 -5.44 2.61
CA TRP A 140 18.88 -5.19 1.19
C TRP A 140 19.92 -4.21 0.65
N PHE A 141 20.15 -3.19 1.42
CA PHE A 141 21.13 -2.25 1.00
C PHE A 141 22.55 -2.83 0.93
N GLU A 142 22.85 -3.82 1.75
CA GLU A 142 24.16 -4.42 1.70
C GLU A 142 24.21 -5.19 0.42
N ARG A 143 23.08 -5.72 -0.01
CA ARG A 143 23.07 -6.42 -1.29
C ARG A 143 23.09 -5.46 -2.52
N PHE A 144 22.55 -4.23 -2.34
CA PHE A 144 22.52 -3.23 -3.43
C PHE A 144 23.19 -2.01 -2.92
N PRO A 145 24.47 -2.14 -2.59
CA PRO A 145 25.19 -1.04 -1.99
C PRO A 145 25.15 0.24 -2.87
N HIS A 146 24.87 0.16 -4.18
CA HIS A 146 24.79 1.37 -5.00
C HIS A 146 23.55 2.26 -4.68
N TYR A 147 22.68 1.70 -3.84
CA TYR A 147 21.54 2.44 -3.36
C TYR A 147 21.79 3.12 -2.00
N LYS A 148 22.95 2.92 -1.38
CA LYS A 148 23.12 3.60 -0.15
C LYS A 148 23.16 5.05 -0.41
N TYR A 149 22.70 5.76 0.61
CA TYR A 149 22.64 7.20 0.52
C TYR A 149 21.56 7.79 -0.41
N ARG A 150 20.88 6.98 -1.21
CA ARG A 150 19.90 7.46 -2.14
C ARG A 150 18.75 8.11 -1.38
N ASP A 151 18.11 9.12 -1.98
CA ASP A 151 16.93 9.69 -1.35
C ASP A 151 15.98 8.54 -1.24
N PHE A 152 15.44 8.34 -0.07
CA PHE A 152 14.59 7.22 0.06
C PHE A 152 13.23 7.60 0.69
N TYR A 153 12.19 6.94 0.15
CA TYR A 153 10.83 7.16 0.64
C TYR A 153 10.11 5.87 0.90
N ILE A 154 9.14 5.91 1.81
CA ILE A 154 8.35 4.74 2.04
C ILE A 154 6.93 5.16 1.81
N ALA A 155 6.20 4.33 1.09
CA ALA A 155 4.82 4.57 0.71
C ALA A 155 4.00 3.26 0.68
N GLY A 156 2.63 3.35 0.85
CA GLY A 156 1.67 2.23 0.82
C GLY A 156 0.21 2.72 0.98
N GLU A 157 -0.73 1.78 1.01
CA GLU A 157 -2.10 2.11 1.15
C GLU A 157 -2.75 1.16 2.13
N SER A 158 -3.92 1.58 2.55
CA SER A 158 -4.74 0.81 3.47
C SER A 158 -4.06 0.41 4.80
N TYR A 159 -3.90 -0.90 5.09
CA TYR A 159 -3.29 -1.27 6.37
C TYR A 159 -1.83 -0.75 6.45
N ALA A 160 -1.26 -0.48 5.26
CA ALA A 160 0.08 0.11 5.26
C ALA A 160 0.08 1.52 5.87
N GLY A 161 -1.13 2.03 6.22
CA GLY A 161 -1.18 3.29 6.97
C GLY A 161 -0.51 3.01 8.32
N HIS A 162 -0.44 1.73 8.69
CA HIS A 162 0.27 1.34 9.86
C HIS A 162 1.72 1.06 9.51
N TYR A 163 1.89 0.14 8.62
CA TYR A 163 3.21 -0.26 8.25
C TYR A 163 4.20 0.85 7.88
N VAL A 164 3.76 1.76 7.03
CA VAL A 164 4.61 2.84 6.55
C VAL A 164 5.19 3.74 7.67
N PRO A 165 4.35 4.43 8.40
CA PRO A 165 4.83 5.29 9.46
C PRO A 165 5.49 4.40 10.55
N GLU A 166 5.06 3.16 10.77
CA GLU A 166 5.77 2.39 11.79
C GLU A 166 7.23 2.11 11.38
N LEU A 167 7.39 1.76 10.12
CA LEU A 167 8.71 1.49 9.62
C LEU A 167 9.54 2.75 9.57
N SER A 168 8.85 3.80 9.13
CA SER A 168 9.48 5.05 9.01
C SER A 168 10.06 5.45 10.32
N GLN A 169 9.34 5.19 11.36
CA GLN A 169 9.86 5.60 12.64
C GLN A 169 11.12 4.81 13.06
N LEU A 170 11.12 3.51 12.79
CA LEU A 170 12.31 2.74 13.10
C LEU A 170 13.44 3.30 12.30
N VAL A 171 13.25 3.45 11.00
CA VAL A 171 14.33 3.94 10.18
C VAL A 171 14.87 5.23 10.70
N HIS A 172 13.95 6.13 10.96
CA HIS A 172 14.36 7.42 11.49
C HIS A 172 15.16 7.32 12.77
N ARG A 173 14.61 6.56 13.65
CA ARG A 173 15.28 6.45 14.89
C ARG A 173 16.52 5.65 14.81
N SER A 174 16.59 4.74 13.86
CA SER A 174 17.72 3.87 13.72
C SER A 174 18.99 4.66 13.50
N LYS A 175 18.89 5.85 12.96
CA LYS A 175 20.14 6.57 12.75
C LYS A 175 21.18 5.88 11.85
N ASN A 176 20.59 5.05 10.94
CA ASN A 176 21.24 4.36 9.85
C ASN A 176 21.60 5.39 8.80
N PRO A 177 22.83 5.48 8.77
CA PRO A 177 23.46 6.41 7.96
C PRO A 177 23.25 6.10 6.52
N VAL A 178 23.07 4.82 6.15
CA VAL A 178 22.99 4.54 4.73
C VAL A 178 21.71 4.78 4.10
N ILE A 179 20.73 4.85 4.94
CA ILE A 179 19.40 5.04 4.46
C ILE A 179 19.03 6.54 4.50
N ASN A 180 18.98 7.24 3.35
CA ASN A 180 18.61 8.64 3.34
C ASN A 180 17.06 8.87 3.23
N LEU A 181 16.37 8.53 4.33
CA LEU A 181 14.91 8.59 4.44
C LEU A 181 14.41 10.01 4.22
N LYS A 182 13.65 10.29 3.15
CA LYS A 182 13.22 11.66 3.07
C LYS A 182 11.79 11.89 3.48
N GLY A 183 11.00 10.81 3.55
CA GLY A 183 9.59 10.94 3.89
C GLY A 183 8.75 9.74 3.48
N PHE A 184 7.43 9.89 3.66
CA PHE A 184 6.56 8.79 3.36
C PHE A 184 5.21 9.26 2.87
N MET A 185 4.49 8.42 2.17
CA MET A 185 3.22 8.83 1.70
C MET A 185 2.26 7.71 1.96
N VAL A 186 1.07 8.04 2.47
CA VAL A 186 0.06 7.04 2.75
C VAL A 186 -1.22 7.29 1.94
N GLY A 187 -1.74 6.25 1.25
CA GLY A 187 -2.98 6.37 0.46
C GLY A 187 -4.09 5.57 1.12
N ASN A 188 -5.30 6.17 1.26
CA ASN A 188 -6.44 5.48 1.89
C ASN A 188 -6.05 4.63 3.09
N GLY A 189 -5.36 5.27 4.01
CA GLY A 189 -4.79 4.50 5.07
C GLY A 189 -5.28 4.68 6.47
N LEU A 190 -5.15 3.58 7.21
CA LEU A 190 -5.47 3.67 8.59
C LEU A 190 -4.51 4.68 9.21
N ILE A 191 -5.13 5.60 9.89
CA ILE A 191 -4.41 6.63 10.58
C ILE A 191 -4.75 6.71 12.09
N ASP A 192 -6.03 6.57 12.47
CA ASP A 192 -6.47 6.70 13.86
C ASP A 192 -7.83 6.05 13.94
N ASP A 193 -7.93 4.95 14.64
CA ASP A 193 -9.14 4.16 14.63
C ASP A 193 -10.43 4.88 14.92
N TYR A 194 -10.34 5.67 15.94
CA TYR A 194 -11.51 6.40 16.34
C TYR A 194 -12.03 7.34 15.24
N HIS A 195 -11.13 8.18 14.74
CA HIS A 195 -11.51 9.12 13.71
C HIS A 195 -11.82 8.49 12.44
N ASP A 196 -11.09 7.45 12.18
CA ASP A 196 -11.33 6.77 10.95
C ASP A 196 -12.74 6.13 10.95
N TYR A 197 -13.10 5.56 12.10
CA TYR A 197 -14.40 4.89 12.24
C TYR A 197 -15.48 5.93 11.99
N VAL A 198 -15.33 7.05 12.67
CA VAL A 198 -16.22 8.14 12.53
C VAL A 198 -16.36 8.56 11.06
N GLY A 199 -15.25 8.95 10.40
CA GLY A 199 -15.35 9.38 9.02
C GLY A 199 -15.92 8.27 8.15
N THR A 200 -15.56 7.04 8.47
CA THR A 200 -16.09 5.96 7.64
C THR A 200 -17.62 5.91 7.54
N PHE A 201 -18.24 5.85 8.72
CA PHE A 201 -19.67 5.78 8.77
C PHE A 201 -20.35 7.00 8.14
N GLU A 202 -19.76 8.16 8.41
CA GLU A 202 -20.36 9.36 7.87
C GLU A 202 -20.30 9.31 6.38
N PHE A 203 -19.17 8.88 5.86
CA PHE A 203 -18.99 8.79 4.43
C PHE A 203 -20.02 7.82 3.82
N TRP A 204 -20.16 6.66 4.44
CA TRP A 204 -21.09 5.64 3.95
C TRP A 204 -22.54 6.20 3.85
N TRP A 205 -22.94 6.86 4.94
CA TRP A 205 -24.27 7.44 5.01
C TRP A 205 -24.40 8.51 3.94
N ASN A 206 -23.36 9.30 3.74
CA ASN A 206 -23.39 10.30 2.69
C ASN A 206 -23.25 9.79 1.26
N HIS A 207 -23.11 8.46 1.10
CA HIS A 207 -23.00 7.81 -0.19
C HIS A 207 -24.17 6.85 -0.33
N GLY A 208 -25.11 6.92 0.62
CA GLY A 208 -26.34 6.14 0.49
C GLY A 208 -26.18 4.67 0.48
N ILE A 209 -25.20 4.28 1.29
CA ILE A 209 -24.95 2.87 1.41
C ILE A 209 -25.47 2.11 2.68
N VAL A 210 -25.91 2.82 3.70
CA VAL A 210 -26.56 2.26 4.89
C VAL A 210 -27.79 3.13 5.27
N SER A 211 -28.68 2.52 6.09
CA SER A 211 -29.79 3.18 6.67
C SER A 211 -29.33 4.12 7.77
N ASP A 212 -30.28 4.93 8.13
CA ASP A 212 -30.01 5.89 9.17
C ASP A 212 -29.74 5.15 10.51
N ASP A 213 -30.58 4.15 10.73
CA ASP A 213 -30.47 3.37 11.94
C ASP A 213 -29.12 2.63 11.97
N THR A 214 -28.72 2.04 10.85
CA THR A 214 -27.43 1.35 10.85
C THR A 214 -26.32 2.35 11.05
N TYR A 215 -26.47 3.53 10.49
CA TYR A 215 -25.41 4.55 10.69
C TYR A 215 -25.12 4.84 12.21
N ARG A 216 -26.23 4.95 12.87
CA ARG A 216 -26.33 5.21 14.27
C ARG A 216 -25.85 3.96 15.01
N ARG A 217 -26.35 2.78 14.67
CA ARG A 217 -25.86 1.56 15.31
C ARG A 217 -24.31 1.43 15.15
N LEU A 218 -23.79 1.78 13.96
CA LEU A 218 -22.35 1.64 13.78
C LEU A 218 -21.56 2.61 14.64
N LYS A 219 -22.06 3.83 14.70
CA LYS A 219 -21.37 4.79 15.51
C LYS A 219 -21.34 4.32 16.95
N GLU A 220 -22.47 3.94 17.49
CA GLU A 220 -22.53 3.47 18.84
C GLU A 220 -21.80 2.15 19.15
N ALA A 221 -21.72 1.24 18.17
CA ALA A 221 -21.06 -0.07 18.36
C ALA A 221 -19.54 -0.08 18.19
N CYS A 222 -19.04 0.73 17.28
CA CYS A 222 -17.66 0.67 16.95
C CYS A 222 -16.72 1.72 17.43
N LEU A 223 -17.20 2.80 17.98
CA LEU A 223 -16.31 3.86 18.27
C LEU A 223 -15.16 3.71 19.24
N HIS A 224 -15.19 2.70 20.06
CA HIS A 224 -14.13 2.59 20.99
C HIS A 224 -13.23 1.49 20.55
N ASP A 225 -13.46 0.91 19.36
CA ASP A 225 -12.76 -0.27 18.82
C ASP A 225 -11.63 0.03 17.86
N SER A 226 -10.89 -0.96 17.38
CA SER A 226 -9.90 -0.62 16.39
C SER A 226 -10.39 -1.19 15.06
N PHE A 227 -9.89 -0.75 13.89
CA PHE A 227 -10.36 -1.38 12.65
C PHE A 227 -10.05 -2.86 12.62
N ILE A 228 -8.86 -3.21 13.05
CA ILE A 228 -8.38 -4.56 12.94
C ILE A 228 -9.00 -5.51 13.95
N HIS A 229 -9.37 -4.97 15.10
CA HIS A 229 -9.98 -5.80 16.14
C HIS A 229 -11.33 -5.26 16.65
N PRO A 230 -12.34 -5.28 15.82
CA PRO A 230 -13.62 -4.75 16.26
C PRO A 230 -14.28 -5.60 17.37
N SER A 231 -15.06 -4.95 18.23
CA SER A 231 -15.79 -5.64 19.25
C SER A 231 -16.85 -6.42 18.53
N PRO A 232 -17.47 -7.35 19.26
CA PRO A 232 -18.60 -8.12 18.74
C PRO A 232 -19.82 -7.20 18.45
N ALA A 233 -20.00 -6.06 19.16
CA ALA A 233 -21.12 -5.15 18.85
C ALA A 233 -20.87 -4.54 17.43
N CYS A 234 -19.60 -4.15 17.26
CA CYS A 234 -19.10 -3.57 16.05
C CYS A 234 -19.33 -4.55 14.94
N ASP A 235 -18.95 -5.77 15.13
CA ASP A 235 -19.20 -6.72 14.07
C ASP A 235 -20.67 -6.98 13.71
N ALA A 236 -21.54 -7.04 14.73
CA ALA A 236 -22.93 -7.24 14.51
C ALA A 236 -23.43 -6.06 13.67
N ALA A 237 -23.07 -4.85 14.09
CA ALA A 237 -23.48 -3.70 13.36
C ALA A 237 -23.00 -3.76 11.91
N THR A 238 -21.73 -4.11 11.72
CA THR A 238 -21.23 -4.12 10.36
C THR A 238 -21.84 -5.23 9.56
N ASP A 239 -22.34 -6.25 10.21
CA ASP A 239 -23.00 -7.30 9.43
C ASP A 239 -24.26 -6.74 8.78
N VAL A 240 -24.99 -5.90 9.51
CA VAL A 240 -26.16 -5.25 8.98
C VAL A 240 -25.76 -4.33 7.78
N ALA A 241 -24.70 -3.53 7.98
CA ALA A 241 -24.24 -2.61 6.95
C ALA A 241 -23.90 -3.35 5.70
N THR A 242 -23.38 -4.51 5.92
CA THR A 242 -23.02 -5.33 4.81
C THR A 242 -24.19 -5.75 4.02
N ALA A 243 -25.20 -6.13 4.77
CA ALA A 243 -26.42 -6.51 4.14
C ALA A 243 -27.02 -5.30 3.41
N GLU A 244 -26.99 -4.13 4.03
CA GLU A 244 -27.51 -2.97 3.35
C GLU A 244 -26.69 -2.63 2.10
N GLN A 245 -25.35 -2.79 2.17
CA GLN A 245 -24.49 -2.44 1.02
C GLN A 245 -24.79 -3.23 -0.23
N GLY A 246 -25.16 -4.46 -0.02
CA GLY A 246 -25.42 -5.32 -1.14
C GLY A 246 -24.20 -5.65 -1.99
N ASN A 247 -24.46 -6.17 -3.19
CA ASN A 247 -23.42 -6.57 -4.09
C ASN A 247 -22.67 -5.48 -4.89
N ILE A 248 -21.98 -4.59 -4.17
CA ILE A 248 -21.22 -3.53 -4.82
C ILE A 248 -19.73 -3.70 -4.48
N ASP A 249 -18.82 -3.05 -5.19
CA ASP A 249 -17.44 -3.09 -4.77
C ASP A 249 -17.17 -1.97 -3.74
N MET A 250 -17.05 -2.29 -2.47
CA MET A 250 -16.77 -1.27 -1.49
C MET A 250 -15.45 -0.56 -1.69
N TYR A 251 -14.52 -1.11 -2.48
CA TYR A 251 -13.23 -0.44 -2.72
C TYR A 251 -13.32 0.55 -3.89
N SER A 252 -14.49 0.63 -4.56
CA SER A 252 -14.72 1.49 -5.73
C SER A 252 -16.23 1.51 -5.97
N LEU A 253 -16.89 2.49 -5.37
CA LEU A 253 -18.31 2.47 -5.36
C LEU A 253 -19.01 2.54 -6.69
N TYR A 254 -18.41 3.12 -7.70
CA TYR A 254 -19.10 3.29 -8.96
C TYR A 254 -18.56 2.43 -10.02
N THR A 255 -17.85 1.37 -9.68
CA THR A 255 -17.34 0.41 -10.63
C THR A 255 -17.91 -0.97 -10.30
N PRO A 256 -17.97 -1.78 -11.32
CA PRO A 256 -18.48 -3.13 -11.22
C PRO A 256 -17.53 -4.08 -10.58
N VAL A 257 -18.18 -5.02 -9.95
CA VAL A 257 -17.61 -6.17 -9.29
C VAL A 257 -17.13 -7.18 -10.35
N CYS A 258 -16.09 -7.94 -10.08
CA CYS A 258 -15.64 -8.90 -11.08
C CYS A 258 -16.63 -10.04 -11.19
N ASN A 259 -17.07 -10.46 -12.38
CA ASN A 259 -18.03 -11.60 -12.45
C ASN A 259 -17.48 -13.07 -12.47
N ILE A 260 -16.21 -13.28 -12.66
CA ILE A 260 -15.74 -14.64 -12.67
C ILE A 260 -15.57 -15.18 -11.24
N SER B 3 -12.44 -0.66 -20.66
CA SER B 3 -11.07 -0.81 -20.24
C SER B 3 -10.84 -1.17 -18.77
N TYR B 4 -11.64 -0.66 -17.81
CA TYR B 4 -11.40 -1.04 -16.39
C TYR B 4 -11.75 -2.50 -16.22
N ASP B 5 -10.96 -3.33 -15.51
CA ASP B 5 -11.39 -4.71 -15.38
C ASP B 5 -11.33 -5.08 -13.94
N PRO B 6 -12.46 -5.34 -13.32
CA PRO B 6 -12.41 -5.62 -11.91
C PRO B 6 -11.83 -6.99 -11.54
N CYS B 7 -11.36 -7.83 -12.49
CA CYS B 7 -10.97 -9.21 -12.20
C CYS B 7 -9.48 -9.44 -12.06
N THR B 8 -8.75 -8.35 -12.03
CA THR B 8 -7.30 -8.40 -11.94
C THR B 8 -6.74 -9.39 -10.93
N GLU B 9 -7.35 -9.51 -9.77
CA GLU B 9 -6.76 -10.40 -8.82
C GLU B 9 -6.71 -11.83 -9.29
N ARG B 10 -7.67 -12.21 -10.11
CA ARG B 10 -7.76 -13.55 -10.67
C ARG B 10 -6.60 -13.79 -11.60
N TYR B 11 -6.37 -12.86 -12.51
CA TYR B 11 -5.26 -13.01 -13.47
C TYR B 11 -3.92 -13.15 -12.78
N SER B 12 -3.75 -12.28 -11.80
CA SER B 12 -2.55 -12.27 -11.03
C SER B 12 -2.27 -13.62 -10.43
N THR B 13 -3.27 -14.16 -9.79
CA THR B 13 -3.19 -15.43 -9.16
C THR B 13 -2.81 -16.57 -10.13
N ALA B 14 -3.37 -16.46 -11.33
CA ALA B 14 -3.06 -17.42 -12.36
C ALA B 14 -1.60 -17.28 -12.70
N TYR B 15 -1.21 -16.05 -12.94
CA TYR B 15 0.13 -15.84 -13.30
C TYR B 15 1.19 -16.21 -12.27
N TYR B 16 1.04 -15.78 -11.04
CA TYR B 16 2.08 -16.04 -10.11
C TYR B 16 2.19 -17.44 -9.71
N ASN B 17 1.14 -18.18 -9.97
CA ASN B 17 1.22 -19.55 -9.58
C ASN B 17 1.92 -20.38 -10.71
N ARG B 18 2.24 -19.72 -11.86
CA ARG B 18 2.96 -20.38 -12.98
C ARG B 18 4.43 -20.69 -12.60
N ARG B 19 4.89 -21.91 -12.96
CA ARG B 19 6.24 -22.41 -12.65
C ARG B 19 7.39 -21.56 -13.23
N ASP B 20 7.17 -21.25 -14.47
CA ASP B 20 8.07 -20.41 -15.19
C ASP B 20 8.16 -18.99 -14.65
N VAL B 21 7.03 -18.45 -14.19
CA VAL B 21 7.10 -17.12 -13.64
C VAL B 21 7.88 -17.13 -12.35
N GLN B 22 7.66 -18.13 -11.53
CA GLN B 22 8.45 -18.16 -10.33
C GLN B 22 9.90 -18.35 -10.65
N MET B 23 10.14 -19.11 -11.72
CA MET B 23 11.52 -19.30 -12.09
C MET B 23 12.11 -17.97 -12.40
N ALA B 24 11.48 -17.29 -13.32
CA ALA B 24 11.98 -15.99 -13.72
C ALA B 24 12.19 -15.03 -12.53
N LEU B 25 11.32 -15.17 -11.50
CA LEU B 25 11.32 -14.31 -10.34
C LEU B 25 12.29 -14.74 -9.31
N HIS B 26 12.72 -15.98 -9.46
CA HIS B 26 13.63 -16.54 -8.46
C HIS B 26 12.82 -16.76 -7.19
N ALA B 27 11.57 -17.16 -7.35
CA ALA B 27 10.75 -17.32 -6.18
C ALA B 27 10.48 -18.78 -6.00
N ASN B 28 10.43 -19.16 -4.71
CA ASN B 28 10.18 -20.54 -4.39
C ASN B 28 11.16 -21.41 -5.19
N VAL B 29 12.48 -21.04 -5.10
CA VAL B 29 13.58 -21.71 -5.80
C VAL B 29 13.38 -23.24 -5.82
N THR B 30 13.33 -23.81 -4.61
CA THR B 30 13.20 -25.25 -4.34
C THR B 30 11.81 -25.85 -4.31
N GLY B 31 10.77 -25.13 -4.66
CA GLY B 31 9.43 -25.71 -4.66
C GLY B 31 8.85 -26.04 -3.26
N ALA B 32 9.55 -25.66 -2.22
CA ALA B 32 9.10 -25.95 -0.85
C ALA B 32 7.93 -25.18 -0.24
N MET B 33 7.46 -24.15 -0.96
CA MET B 33 6.32 -23.36 -0.54
C MET B 33 5.24 -24.23 -1.13
N ASN B 34 4.67 -25.09 -0.29
CA ASN B 34 3.70 -26.05 -0.77
C ASN B 34 2.35 -25.55 -0.45
N TYR B 35 2.09 -24.47 -1.09
CA TYR B 35 0.82 -23.88 -1.04
C TYR B 35 0.72 -23.01 -2.20
N THR B 36 -0.48 -22.81 -2.67
CA THR B 36 -0.69 -21.98 -3.81
C THR B 36 -0.37 -20.55 -3.46
N TRP B 37 0.23 -19.83 -4.40
CA TRP B 37 0.45 -18.41 -4.17
C TRP B 37 -0.95 -17.75 -4.12
N ALA B 38 -1.20 -16.80 -3.22
CA ALA B 38 -2.49 -16.06 -3.17
C ALA B 38 -2.16 -14.55 -3.06
N THR B 39 -3.11 -13.64 -3.41
CA THR B 39 -2.88 -12.16 -3.26
C THR B 39 -2.71 -11.71 -1.80
N CYS B 40 -3.41 -12.37 -0.86
CA CYS B 40 -3.32 -12.10 0.59
C CYS B 40 -3.33 -13.44 1.30
N SER B 41 -2.95 -13.44 2.56
CA SER B 41 -3.01 -14.63 3.42
C SER B 41 -4.17 -14.46 4.40
N ASP B 42 -5.16 -15.28 4.25
CA ASP B 42 -6.28 -15.17 5.16
C ASP B 42 -5.85 -15.52 6.57
N THR B 43 -4.86 -16.38 6.65
CA THR B 43 -4.45 -16.73 7.96
C THR B 43 -3.84 -15.60 8.70
N ILE B 44 -2.91 -14.98 8.11
CA ILE B 44 -2.32 -13.91 8.82
C ILE B 44 -3.35 -12.81 9.01
N ASN B 45 -4.22 -12.65 7.97
CA ASN B 45 -5.23 -11.64 8.04
C ASN B 45 -6.05 -11.86 9.28
N THR B 46 -6.35 -13.13 9.52
CA THR B 46 -7.14 -13.52 10.65
C THR B 46 -6.40 -13.76 11.96
N HIS B 47 -5.09 -13.69 11.95
CA HIS B 47 -4.43 -13.87 13.23
C HIS B 47 -3.51 -12.76 13.56
N TRP B 48 -4.05 -11.58 13.43
CA TRP B 48 -3.25 -10.46 13.69
C TRP B 48 -3.22 -10.09 15.11
N HIS B 49 -2.05 -9.68 15.52
CA HIS B 49 -1.87 -9.26 16.87
C HIS B 49 -1.85 -7.82 17.10
N ASP B 50 -0.71 -7.31 17.60
CA ASP B 50 -0.58 -5.88 17.91
C ASP B 50 -0.78 -4.91 16.73
N ALA B 51 -1.46 -3.80 17.03
CA ALA B 51 -1.86 -2.75 16.13
C ALA B 51 -2.34 -1.53 16.91
N PRO B 52 -1.46 -0.61 17.33
CA PRO B 52 -1.84 0.61 17.98
C PRO B 52 -3.02 1.25 17.27
N ARG B 53 -3.79 1.98 18.06
CA ARG B 53 -4.98 2.62 17.59
C ARG B 53 -4.71 3.88 16.83
N SER B 54 -3.66 4.59 17.20
CA SER B 54 -3.38 5.81 16.48
C SER B 54 -1.96 5.85 15.97
N MET B 55 -1.80 6.34 14.74
CA MET B 55 -0.50 6.58 14.14
C MET B 55 -0.08 8.03 14.34
N LEU B 56 -0.97 8.85 14.89
CA LEU B 56 -0.73 10.29 15.04
C LEU B 56 0.56 10.74 15.72
N PRO B 57 0.89 10.03 16.75
CA PRO B 57 2.09 10.35 17.48
C PRO B 57 3.33 10.20 16.59
N ILE B 58 3.33 9.14 15.78
CA ILE B 58 4.42 8.95 14.85
C ILE B 58 4.41 10.10 13.91
N TYR B 59 3.22 10.50 13.53
CA TYR B 59 3.14 11.60 12.62
C TYR B 59 3.72 12.81 13.27
N ARG B 60 3.36 13.05 14.52
CA ARG B 60 3.92 14.22 15.17
C ARG B 60 5.44 14.17 15.21
N GLU B 61 5.94 13.00 15.54
CA GLU B 61 7.38 12.81 15.63
C GLU B 61 8.14 13.11 14.34
N LEU B 62 7.64 12.54 13.27
CA LEU B 62 8.30 12.68 11.99
C LEU B 62 8.10 14.03 11.36
N ILE B 63 7.01 14.63 11.74
CA ILE B 63 6.79 15.97 11.25
C ILE B 63 7.80 16.82 11.95
N ALA B 64 7.92 16.59 13.22
CA ALA B 64 8.91 17.36 13.95
C ALA B 64 10.31 17.09 13.46
N ALA B 65 10.57 15.84 13.07
CA ALA B 65 11.85 15.47 12.55
C ALA B 65 11.97 16.09 11.18
N GLY B 66 10.99 16.84 10.67
CA GLY B 66 11.18 17.43 9.35
C GLY B 66 10.97 16.51 8.13
N LEU B 67 10.43 15.35 8.31
CA LEU B 67 10.25 14.54 7.13
C LEU B 67 9.10 15.02 6.25
N ARG B 68 9.16 14.65 4.99
CA ARG B 68 8.07 14.95 4.09
C ARG B 68 6.98 13.89 4.26
N ILE B 69 5.77 14.38 4.50
CA ILE B 69 4.61 13.56 4.71
C ILE B 69 3.39 13.99 3.90
N TRP B 70 2.91 13.06 3.09
CA TRP B 70 1.79 13.25 2.26
C TRP B 70 0.86 12.10 2.48
N VAL B 71 -0.41 12.49 2.55
CA VAL B 71 -1.50 11.60 2.72
C VAL B 71 -2.45 11.76 1.56
N PHE B 72 -2.84 10.64 0.98
CA PHE B 72 -3.76 10.74 -0.11
C PHE B 72 -4.94 9.79 0.02
N SER B 73 -5.93 10.08 -0.80
CA SER B 73 -7.16 9.35 -0.78
C SER B 73 -7.97 9.41 -2.06
N GLY B 74 -8.24 8.20 -2.56
CA GLY B 74 -9.14 7.94 -3.66
C GLY B 74 -10.56 8.14 -3.06
N ASP B 75 -11.26 9.16 -3.56
CA ASP B 75 -12.54 9.59 -3.03
C ASP B 75 -13.79 8.76 -3.31
N THR B 76 -13.67 7.65 -4.07
CA THR B 76 -14.83 6.75 -4.25
C THR B 76 -14.63 5.37 -3.56
N ASP B 77 -13.64 5.32 -2.68
CA ASP B 77 -13.37 4.13 -1.90
C ASP B 77 -14.27 4.21 -0.69
N ALA B 78 -14.84 3.10 -0.31
CA ALA B 78 -15.63 3.20 0.85
C ALA B 78 -14.99 2.40 1.95
N VAL B 79 -13.88 1.69 1.70
CA VAL B 79 -13.29 0.85 2.76
C VAL B 79 -12.51 1.68 3.84
N VAL B 80 -11.62 2.60 3.38
CA VAL B 80 -10.86 3.54 4.20
C VAL B 80 -11.07 4.86 3.51
N PRO B 81 -12.30 5.40 3.61
CA PRO B 81 -12.70 6.61 2.86
C PRO B 81 -12.11 7.98 3.27
N LEU B 82 -12.17 8.87 2.30
CA LEU B 82 -11.68 10.20 2.44
C LEU B 82 -12.12 10.84 3.76
N THR B 83 -13.38 10.63 4.14
CA THR B 83 -13.82 11.29 5.35
C THR B 83 -13.08 10.82 6.58
N ALA B 84 -12.78 9.51 6.62
CA ALA B 84 -11.99 8.93 7.70
C ALA B 84 -10.66 9.72 7.71
N THR B 85 -10.07 9.87 6.53
CA THR B 85 -8.81 10.58 6.48
C THR B 85 -8.86 12.03 6.92
N ARG B 86 -9.88 12.73 6.48
CA ARG B 86 -10.06 14.15 6.81
C ARG B 86 -10.15 14.36 8.30
N TYR B 87 -10.93 13.48 8.92
CA TYR B 87 -11.04 13.53 10.35
C TYR B 87 -9.71 13.16 11.05
N SER B 88 -9.00 12.11 10.61
CA SER B 88 -7.78 11.72 11.28
C SER B 88 -6.71 12.79 11.20
N ILE B 89 -6.53 13.32 10.03
CA ILE B 89 -5.55 14.35 9.89
C ILE B 89 -5.98 15.57 10.65
N GLY B 90 -7.30 15.76 10.66
CA GLY B 90 -7.84 16.91 11.35
C GLY B 90 -7.40 16.80 12.80
N ALA B 91 -7.39 15.60 13.32
CA ALA B 91 -6.90 15.47 14.68
C ALA B 91 -5.45 15.99 14.94
N LEU B 92 -4.61 16.14 13.91
CA LEU B 92 -3.26 16.57 14.21
C LEU B 92 -3.30 17.98 14.59
N GLY B 93 -4.37 18.61 14.21
CA GLY B 93 -4.47 20.00 14.49
C GLY B 93 -3.42 20.83 13.75
N LEU B 94 -2.96 20.47 12.57
CA LEU B 94 -1.98 21.38 12.03
C LEU B 94 -2.57 22.63 11.40
N PRO B 95 -1.74 23.60 11.26
CA PRO B 95 -2.09 24.80 10.60
C PRO B 95 -2.02 24.58 9.13
N THR B 96 -2.86 25.39 8.51
CA THR B 96 -3.03 25.37 7.12
C THR B 96 -2.20 26.41 6.48
N THR B 97 -1.47 26.00 5.50
CA THR B 97 -0.65 26.86 4.69
C THR B 97 -1.40 27.14 3.39
N THR B 98 -2.05 26.12 2.81
CA THR B 98 -2.83 26.29 1.59
C THR B 98 -4.11 25.52 1.73
N SER B 99 -5.17 26.27 1.84
CA SER B 99 -6.52 25.75 2.00
C SER B 99 -6.99 24.85 0.83
N TRP B 100 -7.87 23.85 1.09
CA TRP B 100 -8.47 22.94 0.11
C TRP B 100 -8.64 23.57 -1.28
N TYR B 101 -7.95 23.05 -2.29
CA TYR B 101 -8.06 23.62 -3.62
C TYR B 101 -8.04 22.50 -4.64
N PRO B 102 -8.64 22.76 -5.79
CA PRO B 102 -8.72 21.82 -6.89
C PRO B 102 -7.38 21.70 -7.63
N TRP B 103 -6.87 20.50 -7.90
CA TRP B 103 -5.63 20.46 -8.60
C TRP B 103 -5.99 19.90 -9.93
N TYR B 104 -5.27 20.30 -10.95
CA TYR B 104 -5.62 19.90 -12.28
C TYR B 104 -4.63 19.03 -12.95
N ASP B 105 -5.12 18.16 -13.80
CA ASP B 105 -4.29 17.37 -14.65
C ASP B 105 -4.78 17.75 -15.97
N ASP B 106 -3.92 18.53 -16.56
CA ASP B 106 -4.23 19.03 -17.84
C ASP B 106 -5.32 20.08 -17.64
N GLN B 107 -6.48 19.77 -18.20
CA GLN B 107 -7.58 20.68 -18.05
C GLN B 107 -8.65 20.18 -17.04
N GLU B 108 -8.43 18.96 -16.56
CA GLU B 108 -9.34 18.43 -15.61
C GLU B 108 -8.89 18.43 -14.18
N VAL B 109 -9.90 18.60 -13.31
CA VAL B 109 -9.69 18.60 -11.88
C VAL B 109 -9.35 17.15 -11.52
N GLY B 110 -8.15 16.92 -10.96
CA GLY B 110 -7.73 15.55 -10.60
C GLY B 110 -8.17 15.13 -9.18
N GLY B 111 -8.46 16.13 -8.38
CA GLY B 111 -8.85 15.95 -7.02
C GLY B 111 -8.55 17.27 -6.40
N TRP B 112 -8.44 17.25 -5.10
CA TRP B 112 -8.20 18.44 -4.34
C TRP B 112 -7.04 18.26 -3.40
N SER B 113 -6.60 19.33 -2.83
CA SER B 113 -5.51 19.23 -1.91
C SER B 113 -5.47 20.42 -0.96
N GLN B 114 -4.91 20.14 0.20
CA GLN B 114 -4.73 21.13 1.21
C GLN B 114 -3.30 20.96 1.79
N VAL B 115 -2.55 22.04 1.91
CA VAL B 115 -1.23 21.97 2.47
C VAL B 115 -1.24 22.51 3.86
N TYR B 116 -0.76 21.73 4.80
CA TYR B 116 -0.66 22.16 6.17
C TYR B 116 0.77 22.36 6.43
N LYS B 117 1.01 22.86 7.60
CA LYS B 117 2.36 23.05 7.99
C LYS B 117 2.93 21.70 8.36
N GLY B 118 3.70 21.05 7.49
CA GLY B 118 4.25 19.76 7.82
C GLY B 118 3.61 18.55 7.13
N LEU B 119 2.51 18.73 6.36
CA LEU B 119 1.86 17.60 5.71
C LEU B 119 0.99 18.11 4.61
N THR B 120 0.92 17.32 3.56
CA THR B 120 0.12 17.63 2.41
C THR B 120 -0.95 16.61 2.28
N LEU B 121 -2.19 17.05 2.08
CA LEU B 121 -3.29 16.12 1.90
C LEU B 121 -3.77 16.22 0.47
N VAL B 122 -3.99 15.06 -0.15
CA VAL B 122 -4.43 15.03 -1.54
C VAL B 122 -5.53 14.03 -1.80
N SER B 123 -6.64 14.47 -2.43
CA SER B 123 -7.71 13.53 -2.80
C SER B 123 -7.54 13.39 -4.28
N VAL B 124 -7.88 12.21 -4.72
CA VAL B 124 -7.81 11.82 -6.14
C VAL B 124 -9.25 11.51 -6.60
N ARG B 125 -9.79 12.44 -7.34
CA ARG B 125 -11.17 12.46 -7.76
C ARG B 125 -11.67 11.22 -8.49
N GLY B 126 -12.75 10.55 -8.03
CA GLY B 126 -13.26 9.39 -8.78
C GLY B 126 -12.43 8.11 -8.64
N ALA B 127 -11.33 8.10 -7.85
CA ALA B 127 -10.50 6.91 -7.68
C ALA B 127 -10.96 6.04 -6.49
N GLY B 128 -11.01 4.70 -6.63
CA GLY B 128 -11.37 3.86 -5.49
C GLY B 128 -10.10 3.65 -4.64
N HIS B 129 -10.06 2.63 -3.81
CA HIS B 129 -9.00 2.29 -2.85
C HIS B 129 -7.61 2.16 -3.45
N GLU B 130 -7.61 1.50 -4.59
CA GLU B 130 -6.42 1.34 -5.40
C GLU B 130 -6.33 2.40 -6.43
N VAL B 131 -5.81 3.47 -5.94
CA VAL B 131 -5.68 4.65 -6.71
C VAL B 131 -5.02 4.49 -8.08
N PRO B 132 -3.84 3.94 -8.13
CA PRO B 132 -3.12 3.82 -9.40
C PRO B 132 -3.78 2.83 -10.33
N LEU B 133 -4.73 2.07 -9.77
CA LEU B 133 -5.58 1.16 -10.53
C LEU B 133 -6.73 1.97 -11.19
N HIS B 134 -7.46 2.81 -10.44
CA HIS B 134 -8.59 3.54 -11.00
C HIS B 134 -8.28 4.85 -11.62
N ARG B 135 -7.25 5.52 -11.17
CA ARG B 135 -6.86 6.79 -11.79
C ARG B 135 -5.33 6.83 -11.98
N PRO B 136 -4.86 5.94 -12.79
CA PRO B 136 -3.46 5.76 -13.06
C PRO B 136 -2.80 7.04 -13.47
N ARG B 137 -3.44 7.79 -14.35
CA ARG B 137 -2.77 9.00 -14.81
C ARG B 137 -2.55 10.04 -13.71
N GLN B 138 -3.61 10.19 -12.95
CA GLN B 138 -3.59 11.15 -11.85
C GLN B 138 -2.69 10.71 -10.69
N ALA B 139 -2.63 9.36 -10.50
CA ALA B 139 -1.82 8.67 -9.45
C ALA B 139 -0.33 9.01 -9.68
N LEU B 140 0.03 9.03 -10.94
CA LEU B 140 1.39 9.36 -11.31
C LEU B 140 1.76 10.82 -11.11
N VAL B 141 0.79 11.66 -11.37
CA VAL B 141 1.02 13.06 -11.13
C VAL B 141 1.27 13.27 -9.66
N LEU B 142 0.38 12.65 -8.87
CA LEU B 142 0.46 12.68 -7.42
C LEU B 142 1.87 12.25 -6.98
N PHE B 143 2.31 11.10 -7.50
CA PHE B 143 3.61 10.60 -7.13
C PHE B 143 4.79 11.53 -7.51
N GLN B 144 4.73 12.12 -8.71
CA GLN B 144 5.76 13.03 -9.12
C GLN B 144 5.78 14.25 -8.29
N TYR B 145 4.61 14.77 -7.89
CA TYR B 145 4.71 15.98 -7.07
C TYR B 145 5.28 15.70 -5.68
N PHE B 146 4.86 14.60 -5.11
CA PHE B 146 5.32 14.22 -3.78
C PHE B 146 6.87 14.12 -3.79
N LEU B 147 7.41 13.41 -4.80
CA LEU B 147 8.87 13.21 -4.95
C LEU B 147 9.56 14.54 -5.08
N GLN B 148 8.91 15.43 -5.80
CA GLN B 148 9.55 16.71 -5.90
C GLN B 148 9.26 17.48 -4.61
N GLY B 149 8.37 17.05 -3.71
CA GLY B 149 8.16 17.96 -2.59
C GLY B 149 7.38 19.23 -3.06
N LYS B 150 6.67 19.14 -4.19
CA LYS B 150 5.90 20.31 -4.66
C LYS B 150 4.38 20.07 -4.58
N PRO B 151 3.64 21.14 -4.30
CA PRO B 151 2.19 21.06 -4.17
C PRO B 151 1.53 20.72 -5.47
N MET B 152 0.42 20.03 -5.35
CA MET B 152 -0.32 19.64 -6.54
C MET B 152 -0.67 20.86 -7.32
N PRO B 153 -0.55 20.74 -8.56
CA PRO B 153 -0.75 21.91 -9.37
C PRO B 153 -2.19 22.44 -9.53
N GLY B 154 -2.44 23.77 -9.34
CA GLY B 154 -3.72 24.47 -9.66
C GLY B 154 -3.69 24.71 -11.20
N GLN B 155 -4.69 25.22 -11.93
CA GLN B 155 -4.51 25.38 -13.43
C GLN B 155 -3.93 24.21 -14.27
N PHE C 1 -10.81 -11.31 6.38
CA PHE C 1 -11.46 -12.50 5.86
C PHE C 1 -12.45 -13.11 6.83
N LEU C 3 -9.99 -6.76 4.53
CA LEU C 3 -8.79 -6.22 3.95
C LEU C 3 -8.78 -4.72 3.77
#